data_8AHU
#
_entry.id   8AHU
#
_cell.length_a   86.902
_cell.length_b   71.940
_cell.length_c   53.089
_cell.angle_alpha   90.000
_cell.angle_beta   101.470
_cell.angle_gamma   90.000
#
_symmetry.space_group_name_H-M   'C 1 2 1'
#
loop_
_entity.id
_entity.type
_entity.pdbx_description
1 polymer 'Aminotransferase class IV'
2 non-polymer GLYCEROL
3 non-polymer '[5-hydroxy-6-methyl-4-({[(4E)-3-oxo-1,2-oxazolidin-4-ylidene]amino}methyl)pyridin-3-yl]methyl dihydrogen phosphate'
4 water water
#
_entity_poly.entity_id   1
_entity_poly.type   'polypeptide(L)'
_entity_poly.pdbx_seq_one_letter_code
;GHMIKYYNINGQQVPVENATLHVSDLSILRGYGIFDYFLAREGHPLFLDDYLNRFYRSAAELYLEIPFDKAELRRQIYAL
LQANEVREAGIRLVLTGGYSPDGYTPVNPNLLIMMYDLPASAWEFSAQGIKIITHPFQRELPEVKTINYSTGIRMLKTIK
ERGATDLIYVDQGEWIRESARSNFFLVMPDNTIVTADEKILWGITRRQVIDAAREAGYAVEERRIHITELDQAREAFFTS
TIKGVMAIGQIDDRVFGDGTIGKVTQELQDLFVGKVKAYLETC
;
_entity_poly.pdbx_strand_id   A
#
loop_
_chem_comp.id
_chem_comp.type
_chem_comp.name
_chem_comp.formula
GOL non-polymer GLYCEROL 'C3 H8 O3'
LCS non-polymer '[5-hydroxy-6-methyl-4-({[(4E)-3-oxo-1,2-oxazolidin-4-ylidene]amino}methyl)pyridin-3-yl]methyl dihydrogen phosphate' 'C11 H14 N3 O7 P'
#
# COMPACT_ATOMS: atom_id res chain seq x y z
N GLY A 1 7.54 12.49 -20.70
CA GLY A 1 7.83 11.44 -19.72
C GLY A 1 9.24 10.89 -19.92
N HIS A 2 10.21 11.41 -19.17
CA HIS A 2 11.61 11.01 -19.27
C HIS A 2 11.76 9.58 -18.70
N MET A 3 12.58 8.78 -19.35
CA MET A 3 12.80 7.41 -18.90
C MET A 3 13.57 7.49 -17.58
N ILE A 4 13.18 6.65 -16.63
CA ILE A 4 13.93 6.57 -15.37
C ILE A 4 15.34 6.02 -15.62
N LYS A 5 16.35 6.76 -15.23
CA LYS A 5 17.76 6.45 -15.50
C LYS A 5 18.46 6.05 -14.24
N TYR A 6 18.00 6.51 -13.08
CA TYR A 6 18.78 6.37 -11.85
C TYR A 6 17.89 5.85 -10.73
N TYR A 7 18.49 5.02 -9.88
CA TYR A 7 18.05 4.73 -8.49
C TYR A 7 19.04 5.30 -7.50
N ASN A 8 18.75 5.18 -6.20
CA ASN A 8 19.74 5.56 -5.17
C ASN A 8 19.94 4.36 -4.28
N ILE A 9 21.17 3.92 -4.11
CA ILE A 9 21.51 2.83 -3.16
C ILE A 9 22.45 3.41 -2.14
N ASN A 10 22.05 3.38 -0.87
CA ASN A 10 22.87 3.82 0.28
C ASN A 10 23.41 5.24 0.06
N GLY A 11 22.60 6.08 -0.54
CA GLY A 11 22.90 7.53 -0.67
C GLY A 11 23.66 7.85 -1.95
N GLN A 12 23.95 6.90 -2.80
CA GLN A 12 24.66 7.04 -4.07
C GLN A 12 23.64 6.94 -5.19
N GLN A 13 23.64 7.90 -6.10
CA GLN A 13 22.86 7.73 -7.35
C GLN A 13 23.56 6.67 -8.20
N VAL A 14 22.81 5.70 -8.77
CA VAL A 14 23.38 4.61 -9.58
C VAL A 14 22.48 4.47 -10.80
N PRO A 15 23.02 4.24 -12.01
CA PRO A 15 22.18 3.88 -13.14
C PRO A 15 21.35 2.64 -12.75
N VAL A 16 20.16 2.55 -13.31
CA VAL A 16 19.16 1.44 -13.11
CA VAL A 16 19.20 1.44 -13.00
C VAL A 16 19.83 0.09 -13.40
N GLU A 17 20.58 0.04 -14.50
CA GLU A 17 21.22 -1.24 -14.96
C GLU A 17 22.33 -1.67 -14.00
N ASN A 18 22.84 -0.81 -13.12
CA ASN A 18 23.90 -1.16 -12.16
C ASN A 18 23.38 -1.25 -10.71
N ALA A 19 22.06 -1.19 -10.51
CA ALA A 19 21.45 -1.14 -9.14
C ALA A 19 21.30 -2.58 -8.62
N THR A 20 22.28 -3.04 -7.86
CA THR A 20 22.33 -4.43 -7.40
C THR A 20 22.60 -4.50 -5.90
N LEU A 21 22.34 -5.65 -5.29
CA LEU A 21 22.81 -5.97 -3.93
C LEU A 21 23.61 -7.27 -4.03
N HIS A 22 24.63 -7.37 -3.20
CA HIS A 22 25.38 -8.62 -3.01
C HIS A 22 24.43 -9.65 -2.39
N VAL A 23 24.64 -10.92 -2.76
CA VAL A 23 23.70 -12.00 -2.40
C VAL A 23 23.72 -12.32 -0.89
N SER A 24 24.61 -11.76 -0.08
CA SER A 24 24.62 -11.87 1.39
C SER A 24 23.57 -10.98 2.06
N ASP A 25 22.84 -10.13 1.30
CA ASP A 25 21.84 -9.27 1.92
C ASP A 25 20.74 -10.11 2.55
N LEU A 26 20.29 -9.70 3.74
CA LEU A 26 19.29 -10.47 4.48
C LEU A 26 17.88 -10.44 3.85
N SER A 27 17.56 -9.50 2.97
CA SER A 27 16.31 -9.55 2.21
C SER A 27 16.29 -10.81 1.33
N ILE A 28 17.42 -11.08 0.69
CA ILE A 28 17.51 -12.25 -0.22
C ILE A 28 17.49 -13.54 0.58
N LEU A 29 18.27 -13.60 1.63
CA LEU A 29 18.47 -14.87 2.36
C LEU A 29 17.34 -15.15 3.35
N ARG A 30 16.75 -14.10 3.94
CA ARG A 30 15.87 -14.27 5.13
C ARG A 30 14.59 -13.46 5.05
N GLY A 31 14.37 -12.76 3.92
CA GLY A 31 13.16 -11.94 3.81
C GLY A 31 13.10 -10.85 4.88
N TYR A 32 14.19 -10.29 5.34
CA TYR A 32 14.20 -9.32 6.45
C TYR A 32 14.35 -7.90 5.89
N GLY A 33 13.28 -7.14 6.06
CA GLY A 33 13.26 -5.78 5.59
C GLY A 33 11.89 -5.19 5.65
N ILE A 34 11.89 -3.87 5.47
CA ILE A 34 10.62 -3.11 5.34
C ILE A 34 10.71 -2.30 4.06
N PHE A 35 9.58 -1.74 3.67
CA PHE A 35 9.56 -0.86 2.50
C PHE A 35 8.46 0.16 2.68
N ASP A 36 8.45 1.11 1.74
CA ASP A 36 7.28 1.98 1.53
C ASP A 36 7.17 2.31 0.06
N TYR A 37 6.00 2.75 -0.37
CA TYR A 37 5.79 3.08 -1.77
C TYR A 37 4.78 4.23 -1.79
N PHE A 38 5.05 5.23 -2.62
CA PHE A 38 4.12 6.40 -2.73
C PHE A 38 4.30 6.97 -4.12
N LEU A 39 3.27 7.69 -4.56
CA LEU A 39 3.30 8.40 -5.84
C LEU A 39 3.81 9.83 -5.69
N ALA A 40 4.28 10.37 -6.81
CA ALA A 40 4.58 11.81 -6.96
C ALA A 40 3.76 12.35 -8.13
N ARG A 41 3.11 13.48 -7.91
CA ARG A 41 2.39 14.23 -8.98
C ARG A 41 2.86 15.67 -8.90
N GLU A 42 2.96 16.30 -10.09
CA GLU A 42 3.40 17.73 -10.19
C GLU A 42 4.76 17.94 -9.49
N GLY A 43 5.64 16.92 -9.45
CA GLY A 43 6.98 17.05 -8.84
C GLY A 43 6.98 16.81 -7.36
N HIS A 44 5.87 16.34 -6.76
CA HIS A 44 5.77 16.28 -5.28
C HIS A 44 5.30 14.90 -4.81
N PRO A 45 6.14 14.13 -4.08
CA PRO A 45 5.59 12.93 -3.43
C PRO A 45 4.35 13.22 -2.57
N LEU A 46 3.28 12.46 -2.79
CA LEU A 46 2.01 12.73 -2.10
C LEU A 46 2.11 12.42 -0.62
N PHE A 47 1.49 13.19 0.26
CA PHE A 47 1.38 12.91 1.73
C PHE A 47 2.72 12.48 2.29
N LEU A 48 3.81 13.10 1.87
CA LEU A 48 5.15 12.52 2.06
C LEU A 48 5.45 12.34 3.52
N ASP A 49 5.20 13.33 4.36
CA ASP A 49 5.56 13.23 5.77
C ASP A 49 4.89 11.98 6.40
N ASP A 50 3.65 11.67 5.98
CA ASP A 50 2.91 10.50 6.52
C ASP A 50 3.62 9.21 6.06
N TYR A 51 3.96 9.06 4.76
CA TYR A 51 4.73 7.89 4.33
C TYR A 51 6.03 7.81 5.10
N LEU A 52 6.79 8.89 5.26
CA LEU A 52 8.13 8.80 5.86
C LEU A 52 7.97 8.49 7.33
N ASN A 53 6.92 8.99 8.00
CA ASN A 53 6.76 8.64 9.43
C ASN A 53 6.50 7.13 9.55
N ARG A 54 5.74 6.58 8.63
CA ARG A 54 5.44 5.15 8.61
C ARG A 54 6.71 4.36 8.37
N PHE A 55 7.54 4.80 7.44
CA PHE A 55 8.79 4.11 7.10
C PHE A 55 9.70 4.05 8.32
N TYR A 56 9.84 5.15 9.04
CA TYR A 56 10.68 5.20 10.25
C TYR A 56 10.07 4.31 11.36
N ARG A 57 8.77 4.33 11.54
CA ARG A 57 8.08 3.45 12.54
C ARG A 57 8.29 1.96 12.17
N SER A 58 8.19 1.63 10.90
CA SER A 58 8.39 0.24 10.42
C SER A 58 9.83 -0.17 10.75
N ALA A 59 10.82 0.66 10.43
CA ALA A 59 12.22 0.35 10.63
C ALA A 59 12.49 0.12 12.12
N ALA A 60 11.89 0.91 13.02
CA ALA A 60 12.10 0.76 14.47
C ALA A 60 11.54 -0.58 14.97
N GLU A 61 10.47 -1.06 14.37
CA GLU A 61 9.86 -2.37 14.77
C GLU A 61 10.75 -3.54 14.33
N LEU A 62 11.62 -3.38 13.33
CA LEU A 62 12.62 -4.42 12.96
C LEU A 62 14.02 -4.12 13.52
N TYR A 63 14.17 -3.08 14.36
CA TYR A 63 15.44 -2.64 14.97
C TYR A 63 16.46 -2.33 13.89
N LEU A 64 16.00 -1.76 12.76
CA LEU A 64 16.86 -1.32 11.64
C LEU A 64 16.97 0.21 11.67
N GLU A 65 18.16 0.70 11.87
CA GLU A 65 18.43 2.16 11.91
C GLU A 65 18.61 2.66 10.47
N ILE A 66 17.69 3.54 10.05
CA ILE A 66 17.86 4.29 8.78
C ILE A 66 19.06 5.21 8.95
N PRO A 67 20.00 5.23 7.97
CA PRO A 67 21.31 5.86 8.20
C PRO A 67 21.29 7.40 8.30
N PHE A 68 20.13 8.05 8.14
CA PHE A 68 20.00 9.51 8.43
C PHE A 68 18.56 9.84 8.68
N ASP A 69 18.35 11.10 9.05
CA ASP A 69 17.05 11.62 9.49
C ASP A 69 16.12 11.84 8.30
N LYS A 70 14.87 12.03 8.67
CA LYS A 70 13.76 12.18 7.74
C LYS A 70 14.06 13.30 6.72
N ALA A 71 14.57 14.44 7.17
CA ALA A 71 14.82 15.57 6.23
C ALA A 71 15.87 15.19 5.17
N GLU A 72 16.91 14.42 5.52
CA GLU A 72 17.95 13.96 4.59
C GLU A 72 17.35 12.92 3.63
N LEU A 73 16.50 12.01 4.11
CA LEU A 73 15.83 11.08 3.17
C LEU A 73 14.97 11.86 2.19
N ARG A 74 14.20 12.83 2.70
CA ARG A 74 13.32 13.66 1.80
C ARG A 74 14.18 14.35 0.72
N ARG A 75 15.32 14.89 1.12
CA ARG A 75 16.30 15.59 0.19
C ARG A 75 16.75 14.58 -0.86
N GLN A 76 17.07 13.34 -0.42
CA GLN A 76 17.47 12.33 -1.42
C GLN A 76 16.37 11.96 -2.38
N ILE A 77 15.12 11.84 -1.89
CA ILE A 77 13.97 11.56 -2.77
C ILE A 77 13.86 12.71 -3.81
N TYR A 78 13.87 13.93 -3.35
CA TYR A 78 13.67 15.08 -4.27
C TYR A 78 14.80 15.19 -5.27
N ALA A 79 16.02 14.94 -4.81
CA ALA A 79 17.20 14.90 -5.68
C ALA A 79 17.03 13.83 -6.77
N LEU A 80 16.44 12.68 -6.41
CA LEU A 80 16.25 11.62 -7.43
C LEU A 80 15.17 11.97 -8.44
N LEU A 81 14.05 12.59 -8.02
CA LEU A 81 13.03 13.04 -9.03
C LEU A 81 13.69 14.04 -10.03
N GLN A 82 14.53 14.92 -9.55
CA GLN A 82 15.20 15.96 -10.39
C GLN A 82 16.18 15.22 -11.29
N ALA A 83 16.98 14.27 -10.76
CA ALA A 83 17.98 13.51 -11.55
C ALA A 83 17.28 12.76 -12.69
N ASN A 84 16.10 12.19 -12.45
CA ASN A 84 15.31 11.44 -13.47
C ASN A 84 14.51 12.36 -14.37
N GLU A 85 14.42 13.66 -14.04
CA GLU A 85 13.67 14.70 -14.82
C GLU A 85 12.20 14.30 -14.98
N VAL A 86 11.60 13.87 -13.87
CA VAL A 86 10.19 13.45 -13.82
C VAL A 86 9.45 14.25 -12.75
N ARG A 87 8.22 14.53 -13.08
CA ARG A 87 7.22 15.16 -12.18
C ARG A 87 6.17 14.16 -11.72
N GLU A 88 5.96 13.06 -12.44
CA GLU A 88 4.88 12.07 -12.23
C GLU A 88 5.64 10.73 -12.03
N ALA A 89 5.53 10.05 -10.87
CA ALA A 89 6.36 8.84 -10.64
C ALA A 89 5.71 7.97 -9.56
N GLY A 90 6.08 6.69 -9.54
CA GLY A 90 5.98 5.86 -8.32
C GLY A 90 7.37 5.74 -7.68
N ILE A 91 7.41 5.77 -6.37
CA ILE A 91 8.67 5.78 -5.59
C ILE A 91 8.58 4.64 -4.54
N ARG A 92 9.62 3.80 -4.52
CA ARG A 92 9.78 2.67 -3.58
C ARG A 92 10.97 2.90 -2.70
N LEU A 93 10.80 2.86 -1.41
CA LEU A 93 11.89 2.80 -0.43
C LEU A 93 11.96 1.37 0.06
N VAL A 94 13.18 0.82 0.11
CA VAL A 94 13.40 -0.49 0.74
C VAL A 94 14.50 -0.33 1.78
N LEU A 95 14.29 -0.94 2.93
CA LEU A 95 15.31 -1.01 3.97
C LEU A 95 15.47 -2.49 4.33
N THR A 96 16.63 -3.05 3.98
CA THR A 96 16.91 -4.48 4.21
C THR A 96 17.64 -4.66 5.54
N GLY A 97 17.76 -5.91 5.99
CA GLY A 97 18.63 -6.21 7.14
C GLY A 97 20.12 -6.16 6.86
N GLY A 98 20.52 -5.93 5.62
CA GLY A 98 21.92 -5.69 5.28
C GLY A 98 22.73 -6.96 5.08
N TYR A 99 24.03 -6.68 4.85
CA TYR A 99 25.03 -7.72 4.56
C TYR A 99 25.47 -8.35 5.86
N SER A 100 24.69 -9.34 6.25
CA SER A 100 24.85 -10.06 7.54
C SER A 100 26.05 -11.00 7.46
N PRO A 101 26.86 -11.05 8.56
CA PRO A 101 28.03 -11.95 8.61
C PRO A 101 27.67 -13.45 8.54
N ASP A 102 26.49 -13.82 9.09
CA ASP A 102 26.10 -15.21 9.42
C ASP A 102 24.79 -15.57 8.72
N GLY A 103 24.32 -14.72 7.79
CA GLY A 103 23.07 -15.01 7.06
C GLY A 103 21.85 -14.96 7.94
N TYR A 104 21.89 -14.25 9.06
CA TYR A 104 20.74 -14.20 9.97
C TYR A 104 20.73 -12.88 10.77
N THR A 105 21.82 -12.57 11.46
CA THR A 105 21.93 -11.40 12.37
C THR A 105 21.99 -10.10 11.56
N PRO A 106 21.02 -9.15 11.69
CA PRO A 106 21.07 -7.90 10.95
C PRO A 106 22.23 -7.02 11.38
N VAL A 107 22.57 -6.14 10.45
CA VAL A 107 23.68 -5.15 10.59
C VAL A 107 23.15 -3.83 10.03
N ASN A 108 24.05 -2.97 9.56
CA ASN A 108 23.64 -1.70 8.98
C ASN A 108 22.74 -2.12 7.82
N PRO A 109 21.52 -1.59 7.75
CA PRO A 109 20.69 -1.91 6.62
C PRO A 109 21.27 -1.45 5.29
N ASN A 110 20.80 -2.03 4.22
CA ASN A 110 20.88 -1.46 2.86
C ASN A 110 19.61 -0.69 2.60
N LEU A 111 19.77 0.56 2.15
CA LEU A 111 18.64 1.46 1.82
C LEU A 111 18.57 1.66 0.33
N LEU A 112 17.45 1.36 -0.30
CA LEU A 112 17.21 1.52 -1.73
C LEU A 112 16.11 2.55 -1.95
N ILE A 113 16.31 3.43 -2.95
CA ILE A 113 15.25 4.33 -3.45
C ILE A 113 15.11 4.04 -4.90
N MET A 114 13.99 3.49 -5.29
CA MET A 114 13.70 3.11 -6.67
CA MET A 114 13.70 3.12 -6.67
C MET A 114 12.60 4.05 -7.19
N MET A 115 12.58 4.22 -8.50
CA MET A 115 11.61 5.13 -9.12
C MET A 115 11.07 4.51 -10.38
N TYR A 116 9.81 4.77 -10.65
CA TYR A 116 9.03 4.17 -11.74
C TYR A 116 8.19 5.24 -12.42
N ASP A 117 7.75 4.92 -13.61
CA ASP A 117 6.61 5.69 -14.22
C ASP A 117 5.42 5.64 -13.23
N LEU A 118 4.59 6.66 -13.31
CA LEU A 118 3.30 6.61 -12.60
C LEU A 118 2.54 5.43 -13.17
N PRO A 119 2.11 4.48 -12.33
CA PRO A 119 1.34 3.35 -12.84
C PRO A 119 0.14 3.82 -13.67
N ALA A 120 0.02 3.28 -14.89
CA ALA A 120 -1.02 3.68 -15.88
C ALA A 120 -2.43 3.47 -15.31
N SER A 121 -2.59 2.41 -14.52
CA SER A 121 -3.83 2.00 -13.83
C SER A 121 -4.09 2.85 -12.57
N ALA A 122 -3.17 3.69 -12.10
CA ALA A 122 -3.34 4.39 -10.80
C ALA A 122 -4.64 5.20 -10.80
N TRP A 123 -5.49 5.00 -9.81
CA TRP A 123 -6.74 5.79 -9.62
C TRP A 123 -7.60 5.74 -10.90
N GLU A 124 -7.61 4.60 -11.56
CA GLU A 124 -8.52 4.32 -12.70
C GLU A 124 -9.98 4.56 -12.28
N PHE A 125 -10.36 4.13 -11.08
CA PHE A 125 -11.73 4.37 -10.59
C PHE A 125 -12.76 3.82 -11.60
N SER A 126 -12.62 2.55 -11.92
CA SER A 126 -13.58 1.81 -12.77
C SER A 126 -14.98 1.84 -12.13
N ALA A 127 -16.01 2.10 -12.91
CA ALA A 127 -17.40 1.95 -12.43
C ALA A 127 -17.74 0.46 -12.22
N GLN A 128 -17.04 -0.49 -12.86
CA GLN A 128 -17.35 -1.93 -12.69
C GLN A 128 -16.56 -2.44 -11.50
N GLY A 129 -17.22 -3.06 -10.54
CA GLY A 129 -16.57 -3.57 -9.35
C GLY A 129 -15.72 -4.80 -9.68
N ILE A 130 -14.61 -4.95 -8.99
CA ILE A 130 -13.77 -6.16 -9.20
C ILE A 130 -14.38 -7.37 -8.49
N LYS A 131 -13.93 -8.57 -8.86
CA LYS A 131 -14.40 -9.84 -8.25
C LYS A 131 -13.24 -10.42 -7.44
N ILE A 132 -13.46 -10.73 -6.18
CA ILE A 132 -12.39 -11.20 -5.25
C ILE A 132 -12.90 -12.42 -4.49
N ILE A 133 -11.99 -13.21 -3.95
CA ILE A 133 -12.25 -14.39 -3.08
C ILE A 133 -11.78 -14.10 -1.66
N THR A 134 -12.39 -14.75 -0.67
CA THR A 134 -11.86 -14.77 0.71
C THR A 134 -10.78 -15.85 0.80
N HIS A 135 -9.82 -15.62 1.65
CA HIS A 135 -8.72 -16.55 1.92
C HIS A 135 -8.47 -16.47 3.41
N PRO A 136 -8.55 -17.60 4.13
CA PRO A 136 -8.17 -17.58 5.53
C PRO A 136 -6.67 -17.38 5.74
N PHE A 137 -6.30 -16.29 6.41
CA PHE A 137 -4.88 -15.91 6.61
C PHE A 137 -4.85 -14.69 7.52
N GLN A 138 -3.82 -14.55 8.33
CA GLN A 138 -3.45 -13.35 9.10
C GLN A 138 -1.98 -13.02 8.83
N ARG A 139 -1.77 -11.85 8.27
CA ARG A 139 -0.41 -11.27 8.09
C ARG A 139 0.35 -11.22 9.40
N GLU A 140 1.64 -11.59 9.31
CA GLU A 140 2.62 -11.46 10.41
C GLU A 140 2.93 -9.97 10.58
N LEU A 141 3.13 -9.55 11.82
CA LEU A 141 3.52 -8.15 12.18
C LEU A 141 2.75 -7.14 11.32
N PRO A 142 1.41 -7.21 11.33
CA PRO A 142 0.60 -6.54 10.33
C PRO A 142 0.72 -5.02 10.29
N GLU A 143 1.05 -4.36 11.40
CA GLU A 143 1.20 -2.88 11.42
C GLU A 143 2.53 -2.45 10.80
N VAL A 144 3.49 -3.37 10.62
CA VAL A 144 4.80 -3.03 9.99
C VAL A 144 4.64 -3.31 8.48
N LYS A 145 5.18 -2.46 7.61
CA LYS A 145 5.16 -2.73 6.16
CA LYS A 145 5.16 -2.73 6.16
C LYS A 145 6.40 -3.57 5.81
N THR A 146 6.40 -4.83 6.22
CA THR A 146 7.55 -5.70 5.95
C THR A 146 7.53 -6.04 4.47
N ILE A 147 8.65 -6.62 4.02
CA ILE A 147 8.72 -7.11 2.61
C ILE A 147 8.07 -8.46 2.45
N ASN A 148 7.33 -9.00 3.40
CA ASN A 148 6.86 -10.41 3.31
CA ASN A 148 6.88 -10.42 3.33
C ASN A 148 5.49 -10.48 2.64
N TYR A 149 5.44 -10.83 1.36
CA TYR A 149 4.20 -11.00 0.54
C TYR A 149 4.08 -12.44 0.04
N SER A 150 4.71 -13.45 0.67
CA SER A 150 4.68 -14.85 0.19
C SER A 150 3.26 -15.30 -0.08
N THR A 151 2.38 -15.14 0.90
CA THR A 151 1.03 -15.73 0.77
C THR A 151 0.30 -15.05 -0.37
N GLY A 152 0.35 -13.71 -0.40
CA GLY A 152 -0.33 -12.96 -1.46
C GLY A 152 0.17 -13.37 -2.84
N ILE A 153 1.48 -13.56 -2.97
CA ILE A 153 2.02 -13.89 -4.31
C ILE A 153 1.68 -15.35 -4.65
N ARG A 154 1.84 -16.24 -3.68
CA ARG A 154 1.55 -17.67 -3.91
CA ARG A 154 1.55 -17.67 -3.89
C ARG A 154 0.09 -17.83 -4.36
N MET A 155 -0.79 -16.99 -3.82
CA MET A 155 -2.23 -17.10 -4.17
C MET A 155 -2.58 -16.57 -5.55
N LEU A 156 -1.67 -15.91 -6.27
CA LEU A 156 -2.04 -15.35 -7.60
C LEU A 156 -2.63 -16.42 -8.53
N LYS A 157 -2.06 -17.64 -8.56
CA LYS A 157 -2.61 -18.70 -9.44
C LYS A 157 -4.05 -19.08 -9.11
N THR A 158 -4.32 -19.32 -7.84
CA THR A 158 -5.62 -19.75 -7.26
C THR A 158 -6.65 -18.64 -7.48
N ILE A 159 -6.26 -17.37 -7.19
CA ILE A 159 -7.14 -16.20 -7.49
C ILE A 159 -7.57 -16.27 -8.95
N LYS A 160 -6.59 -16.41 -9.86
CA LYS A 160 -6.93 -16.37 -11.30
C LYS A 160 -7.75 -17.63 -11.66
N GLU A 161 -7.40 -18.81 -11.14
CA GLU A 161 -8.07 -20.11 -11.45
C GLU A 161 -9.55 -20.06 -11.01
N ARG A 162 -9.84 -19.41 -9.88
CA ARG A 162 -11.18 -19.38 -9.26
C ARG A 162 -12.01 -18.30 -9.96
N GLY A 163 -11.48 -17.53 -10.91
CA GLY A 163 -12.26 -16.50 -11.64
C GLY A 163 -12.21 -15.08 -11.02
N ALA A 164 -11.29 -14.80 -10.08
CA ALA A 164 -11.17 -13.51 -9.36
C ALA A 164 -9.96 -12.73 -9.85
N THR A 165 -9.77 -11.48 -9.38
CA THR A 165 -8.56 -10.69 -9.66
C THR A 165 -7.89 -10.23 -8.37
N ASP A 166 -8.47 -10.49 -7.22
CA ASP A 166 -7.81 -10.24 -5.93
C ASP A 166 -8.41 -11.13 -4.84
N LEU A 167 -7.93 -10.93 -3.63
CA LEU A 167 -8.48 -11.63 -2.46
C LEU A 167 -8.71 -10.65 -1.31
N ILE A 168 -9.38 -11.15 -0.28
CA ILE A 168 -9.47 -10.49 1.07
C ILE A 168 -9.10 -11.54 2.13
N TYR A 169 -8.18 -11.23 3.01
CA TYR A 169 -7.75 -12.12 4.10
C TYR A 169 -8.84 -12.07 5.16
N VAL A 170 -9.16 -13.25 5.68
CA VAL A 170 -10.10 -13.41 6.83
C VAL A 170 -9.38 -14.16 7.93
N ASP A 171 -9.11 -13.48 9.04
CA ASP A 171 -8.38 -14.07 10.18
C ASP A 171 -9.23 -15.18 10.80
N GLN A 172 -8.66 -16.39 10.79
CA GLN A 172 -9.31 -17.63 11.28
C GLN A 172 -10.58 -17.86 10.45
N GLY A 173 -10.67 -17.35 9.21
CA GLY A 173 -11.96 -17.30 8.45
C GLY A 173 -13.13 -16.61 9.16
N GLU A 174 -12.93 -15.90 10.28
CA GLU A 174 -13.97 -15.19 11.09
C GLU A 174 -13.90 -13.66 10.88
N TRP A 175 -12.70 -13.05 10.94
CA TRP A 175 -12.49 -11.59 11.07
C TRP A 175 -11.89 -11.06 9.78
N ILE A 176 -12.61 -10.16 9.12
CA ILE A 176 -12.15 -9.40 7.93
C ILE A 176 -11.05 -8.43 8.31
N ARG A 177 -9.96 -8.51 7.54
CA ARG A 177 -8.75 -7.68 7.74
C ARG A 177 -8.53 -6.77 6.53
N GLU A 178 -7.82 -7.27 5.52
CA GLU A 178 -7.24 -6.48 4.41
C GLU A 178 -6.90 -7.44 3.27
N SER A 179 -6.63 -6.95 2.08
CA SER A 179 -6.05 -7.76 0.97
CA SER A 179 -6.06 -7.76 0.98
C SER A 179 -4.55 -7.85 1.22
N ALA A 180 -3.85 -8.53 0.34
CA ALA A 180 -2.36 -8.53 0.43
C ALA A 180 -1.75 -7.15 0.23
N ARG A 181 -2.42 -6.25 -0.52
CA ARG A 181 -1.81 -4.93 -0.82
CA ARG A 181 -1.87 -4.98 -1.05
C ARG A 181 -2.82 -3.80 -0.77
N SER A 182 -3.91 -3.98 -0.02
CA SER A 182 -4.98 -2.92 0.07
C SER A 182 -5.68 -3.03 1.42
N ASN A 183 -6.15 -1.92 1.96
CA ASN A 183 -7.12 -1.92 3.07
C ASN A 183 -8.52 -2.07 2.48
N PHE A 184 -9.43 -2.52 3.31
CA PHE A 184 -10.77 -3.00 2.90
C PHE A 184 -11.82 -2.29 3.73
N PHE A 185 -12.85 -1.82 3.04
CA PHE A 185 -13.98 -1.12 3.68
C PHE A 185 -15.30 -1.69 3.23
N LEU A 186 -16.28 -1.56 4.11
CA LEU A 186 -17.71 -1.82 3.77
C LEU A 186 -18.49 -0.52 3.94
N VAL A 187 -19.61 -0.45 3.22
CA VAL A 187 -20.61 0.61 3.43
C VAL A 187 -21.93 -0.11 3.68
N MET A 188 -22.51 0.19 4.81
CA MET A 188 -23.79 -0.46 5.20
C MET A 188 -24.95 0.26 4.51
N PRO A 189 -26.15 -0.38 4.48
CA PRO A 189 -27.31 0.25 3.84
C PRO A 189 -27.74 1.59 4.44
N ASP A 190 -27.43 1.86 5.71
CA ASP A 190 -27.61 3.20 6.32
C ASP A 190 -26.45 4.20 6.09
N ASN A 191 -25.51 3.86 5.21
CA ASN A 191 -24.35 4.68 4.76
C ASN A 191 -23.24 4.69 5.80
N THR A 192 -23.29 3.89 6.88
CA THR A 192 -22.14 3.76 7.80
C THR A 192 -20.99 3.06 7.07
N ILE A 193 -19.82 3.66 7.16
CA ILE A 193 -18.58 3.12 6.58
C ILE A 193 -17.91 2.29 7.67
N VAL A 194 -17.52 1.05 7.32
CA VAL A 194 -16.95 0.13 8.32
C VAL A 194 -15.58 -0.37 7.81
N THR A 195 -14.60 -0.38 8.69
CA THR A 195 -13.26 -0.92 8.35
C THR A 195 -12.58 -1.45 9.60
N ALA A 196 -11.74 -2.45 9.46
CA ALA A 196 -11.03 -3.07 10.59
C ALA A 196 -10.11 -2.07 11.29
N ASP A 197 -10.03 -2.18 12.62
CA ASP A 197 -9.23 -1.29 13.48
C ASP A 197 -7.96 -2.01 13.97
N GLU A 198 -7.82 -3.33 13.82
CA GLU A 198 -6.68 -4.06 14.47
C GLU A 198 -6.08 -5.03 13.46
N LYS A 199 -4.80 -5.34 13.66
CA LYS A 199 -4.11 -6.45 12.94
C LYS A 199 -4.21 -6.23 11.42
N ILE A 200 -4.07 -4.97 11.03
CA ILE A 200 -3.96 -4.52 9.62
C ILE A 200 -2.81 -3.54 9.49
N LEU A 201 -2.34 -3.30 8.25
CA LEU A 201 -1.46 -2.15 7.97
C LEU A 201 -2.31 -0.87 8.01
N TRP A 202 -1.77 0.15 8.65
CA TRP A 202 -2.42 1.48 8.75
C TRP A 202 -2.06 2.24 7.47
N GLY A 203 -2.76 1.93 6.38
CA GLY A 203 -2.59 2.58 5.08
C GLY A 203 -2.63 4.09 5.19
N ILE A 204 -1.84 4.77 4.37
CA ILE A 204 -1.96 6.22 4.20
C ILE A 204 -3.30 6.48 3.48
N THR A 205 -3.64 5.72 2.46
CA THR A 205 -4.87 6.00 1.69
C THR A 205 -6.07 5.81 2.63
N ARG A 206 -6.05 4.72 3.38
CA ARG A 206 -7.09 4.44 4.43
C ARG A 206 -7.24 5.69 5.30
N ARG A 207 -6.16 6.23 5.83
CA ARG A 207 -6.18 7.41 6.72
C ARG A 207 -6.84 8.59 5.99
N GLN A 208 -6.45 8.92 4.75
CA GLN A 208 -7.01 10.06 4.01
C GLN A 208 -8.52 9.87 3.77
N VAL A 209 -8.94 8.64 3.44
CA VAL A 209 -10.36 8.33 3.12
C VAL A 209 -11.19 8.42 4.40
N ILE A 210 -10.72 7.84 5.48
CA ILE A 210 -11.47 7.95 6.76
C ILE A 210 -11.60 9.44 7.12
N ASP A 211 -10.51 10.20 7.08
CA ASP A 211 -10.57 11.66 7.41
C ASP A 211 -11.56 12.36 6.52
N ALA A 212 -11.50 12.13 5.20
CA ALA A 212 -12.39 12.78 4.21
C ALA A 212 -13.82 12.39 4.49
N ALA A 213 -14.09 11.12 4.73
CA ALA A 213 -15.47 10.63 5.03
C ALA A 213 -15.96 11.32 6.31
N ARG A 214 -15.15 11.35 7.35
CA ARG A 214 -15.62 11.96 8.64
C ARG A 214 -15.87 13.44 8.44
N GLU A 215 -15.09 14.13 7.59
CA GLU A 215 -15.26 15.58 7.35
C GLU A 215 -16.50 15.85 6.53
N ALA A 216 -16.94 14.94 5.70
CA ALA A 216 -18.17 15.00 4.91
C ALA A 216 -19.39 14.63 5.79
N GLY A 217 -19.17 14.22 7.03
CA GLY A 217 -20.20 13.84 8.04
C GLY A 217 -20.76 12.42 7.90
N TYR A 218 -20.02 11.52 7.24
CA TYR A 218 -20.36 10.09 7.33
C TYR A 218 -19.99 9.54 8.70
N ALA A 219 -20.73 8.54 9.10
CA ALA A 219 -20.39 7.68 10.25
C ALA A 219 -19.33 6.69 9.74
N VAL A 220 -18.21 6.62 10.45
CA VAL A 220 -17.09 5.70 10.10
C VAL A 220 -16.80 4.92 11.38
N GLU A 221 -16.97 3.62 11.32
CA GLU A 221 -16.72 2.69 12.44
C GLU A 221 -15.43 1.92 12.10
N GLU A 222 -14.47 2.09 12.99
CA GLU A 222 -13.17 1.33 12.96
C GLU A 222 -13.31 0.27 14.04
N ARG A 223 -13.56 -0.96 13.63
CA ARG A 223 -13.95 -2.03 14.59
C ARG A 223 -13.68 -3.39 13.99
N ARG A 224 -13.79 -4.44 14.81
CA ARG A 224 -13.77 -5.81 14.26
C ARG A 224 -14.95 -5.99 13.31
N ILE A 225 -14.75 -6.71 12.21
CA ILE A 225 -15.77 -7.04 11.19
C ILE A 225 -15.93 -8.54 11.07
N HIS A 226 -17.06 -9.09 11.44
CA HIS A 226 -17.30 -10.52 11.30
C HIS A 226 -17.57 -10.82 9.82
N ILE A 227 -17.13 -11.96 9.33
CA ILE A 227 -17.39 -12.42 7.92
C ILE A 227 -18.88 -12.34 7.54
N THR A 228 -19.78 -12.62 8.47
CA THR A 228 -21.23 -12.60 8.19
C THR A 228 -21.69 -11.20 7.84
N GLU A 229 -20.92 -10.15 8.18
CA GLU A 229 -21.29 -8.76 7.82
C GLU A 229 -21.14 -8.50 6.32
N LEU A 230 -20.45 -9.34 5.56
CA LEU A 230 -20.42 -9.19 4.08
C LEU A 230 -21.84 -9.26 3.55
N ASP A 231 -22.73 -10.04 4.17
CA ASP A 231 -24.15 -10.18 3.74
C ASP A 231 -25.03 -9.00 4.19
N GLN A 232 -24.54 -8.10 5.02
CA GLN A 232 -25.28 -6.94 5.52
C GLN A 232 -24.89 -5.69 4.75
N ALA A 233 -23.70 -5.65 4.13
CA ALA A 233 -23.21 -4.39 3.51
C ALA A 233 -23.86 -4.16 2.14
N ARG A 234 -24.00 -2.89 1.75
CA ARG A 234 -24.42 -2.48 0.42
C ARG A 234 -23.24 -2.44 -0.53
N GLU A 235 -22.09 -1.91 -0.05
CA GLU A 235 -20.90 -1.65 -0.88
C GLU A 235 -19.68 -2.26 -0.20
N ALA A 236 -18.66 -2.48 -0.99
CA ALA A 236 -17.32 -2.84 -0.53
C ALA A 236 -16.28 -2.17 -1.44
N PHE A 237 -15.18 -1.76 -0.82
CA PHE A 237 -14.10 -1.16 -1.63
C PHE A 237 -12.75 -1.41 -0.98
N PHE A 238 -11.76 -1.26 -1.85
CA PHE A 238 -10.33 -1.29 -1.47
C PHE A 238 -9.75 0.11 -1.45
N THR A 239 -8.77 0.34 -0.56
CA THR A 239 -7.92 1.54 -0.64
C THR A 239 -6.46 1.12 -0.74
N SER A 240 -5.68 1.89 -1.50
CA SER A 240 -4.20 1.77 -1.50
C SER A 240 -3.64 2.95 -2.26
N THR A 241 -2.34 3.13 -2.15
CA THR A 241 -1.62 4.17 -2.87
C THR A 241 -1.96 4.13 -4.37
N ILE A 242 -1.96 2.99 -4.99
CA ILE A 242 -2.18 2.88 -6.45
C ILE A 242 -3.66 2.79 -6.79
N LYS A 243 -4.48 2.15 -5.95
CA LYS A 243 -5.92 2.01 -6.25
C LYS A 243 -6.66 3.32 -6.01
N GLY A 244 -6.18 4.12 -5.09
CA GLY A 244 -7.03 5.15 -4.46
C GLY A 244 -8.16 4.46 -3.73
N VAL A 245 -9.38 4.63 -4.25
CA VAL A 245 -10.57 3.90 -3.83
C VAL A 245 -11.04 3.06 -5.00
N MET A 246 -11.17 1.75 -4.79
CA MET A 246 -11.49 0.79 -5.87
C MET A 246 -12.73 -0.01 -5.46
N ALA A 247 -13.77 0.11 -6.25
CA ALA A 247 -15.05 -0.60 -6.05
C ALA A 247 -14.84 -2.10 -6.16
N ILE A 248 -15.43 -2.85 -5.23
CA ILE A 248 -15.50 -4.34 -5.27
C ILE A 248 -16.92 -4.75 -5.62
N GLY A 249 -17.12 -5.45 -6.72
CA GLY A 249 -18.47 -5.84 -7.18
C GLY A 249 -18.91 -7.19 -6.66
N GLN A 250 -18.00 -8.11 -6.32
CA GLN A 250 -18.36 -9.46 -5.85
C GLN A 250 -17.29 -9.99 -4.90
N ILE A 251 -17.71 -10.64 -3.80
CA ILE A 251 -16.80 -11.35 -2.85
C ILE A 251 -17.34 -12.76 -2.68
N ASP A 252 -16.66 -13.74 -3.30
CA ASP A 252 -17.20 -15.12 -3.37
C ASP A 252 -18.48 -15.03 -4.21
N ASP A 253 -19.62 -15.56 -3.80
CA ASP A 253 -20.80 -15.41 -4.72
C ASP A 253 -21.68 -14.27 -4.17
N ARG A 254 -21.27 -13.50 -3.11
CA ARG A 254 -21.99 -12.25 -2.67
C ARG A 254 -21.72 -11.20 -3.74
N VAL A 255 -22.77 -10.78 -4.46
CA VAL A 255 -22.69 -9.70 -5.46
C VAL A 255 -23.21 -8.40 -4.83
N PHE A 256 -22.41 -7.33 -4.78
CA PHE A 256 -22.80 -6.03 -4.16
C PHE A 256 -23.59 -5.21 -5.16
N GLY A 257 -24.90 -5.00 -4.89
CA GLY A 257 -25.66 -4.23 -5.85
C GLY A 257 -25.81 -4.96 -7.16
N ASP A 258 -25.69 -4.25 -8.29
CA ASP A 258 -25.66 -4.82 -9.67
C ASP A 258 -24.17 -5.11 -10.02
N GLY A 259 -23.22 -5.07 -9.04
CA GLY A 259 -21.76 -5.21 -9.29
C GLY A 259 -21.06 -3.91 -9.68
N THR A 260 -21.76 -2.83 -10.04
CA THR A 260 -21.19 -1.53 -10.40
C THR A 260 -20.96 -0.72 -9.10
N ILE A 261 -20.21 0.34 -9.23
CA ILE A 261 -19.70 1.13 -8.08
C ILE A 261 -20.87 1.70 -7.27
N GLY A 262 -20.76 1.59 -5.95
CA GLY A 262 -21.82 2.08 -5.07
C GLY A 262 -21.71 3.59 -4.87
N LYS A 263 -22.77 4.18 -4.38
CA LYS A 263 -22.89 5.65 -4.32
C LYS A 263 -21.82 6.25 -3.40
N VAL A 264 -21.63 5.68 -2.24
CA VAL A 264 -20.65 6.21 -1.23
C VAL A 264 -19.23 5.96 -1.74
N THR A 265 -18.98 4.82 -2.35
CA THR A 265 -17.63 4.50 -2.85
C THR A 265 -17.25 5.58 -3.89
N GLN A 266 -18.18 5.90 -4.81
CA GLN A 266 -17.89 6.95 -5.84
C GLN A 266 -17.66 8.31 -5.14
N GLU A 267 -18.47 8.68 -4.15
CA GLU A 267 -18.27 9.97 -3.41
C GLU A 267 -16.87 9.99 -2.80
N LEU A 268 -16.44 8.85 -2.26
CA LEU A 268 -15.11 8.77 -1.60
C LEU A 268 -13.95 8.84 -2.60
N GLN A 269 -14.13 8.35 -3.83
CA GLN A 269 -13.18 8.60 -4.94
C GLN A 269 -13.01 10.08 -5.13
N ASP A 270 -14.11 10.82 -5.25
CA ASP A 270 -14.00 12.30 -5.40
C ASP A 270 -13.37 12.95 -4.16
N LEU A 271 -13.72 12.52 -2.97
CA LEU A 271 -13.12 13.11 -1.76
C LEU A 271 -11.62 12.81 -1.70
N PHE A 272 -11.21 11.59 -2.04
CA PHE A 272 -9.77 11.25 -2.02
C PHE A 272 -9.00 12.17 -2.98
N VAL A 273 -9.50 12.33 -4.20
CA VAL A 273 -8.93 13.25 -5.22
C VAL A 273 -8.88 14.67 -4.62
N GLY A 274 -9.88 15.09 -3.87
CA GLY A 274 -9.83 16.38 -3.14
C GLY A 274 -8.70 16.44 -2.12
N LYS A 275 -8.44 15.36 -1.35
CA LYS A 275 -7.32 15.32 -0.40
C LYS A 275 -5.97 15.50 -1.12
N VAL A 276 -5.81 14.87 -2.26
CA VAL A 276 -4.60 14.95 -3.13
C VAL A 276 -4.46 16.40 -3.61
N LYS A 277 -5.56 16.96 -4.11
CA LYS A 277 -5.47 18.34 -4.66
C LYS A 277 -5.08 19.30 -3.52
N ALA A 278 -5.65 19.09 -2.33
CA ALA A 278 -5.39 19.96 -1.17
C ALA A 278 -3.92 19.82 -0.78
N TYR A 279 -3.39 18.61 -0.74
CA TYR A 279 -1.97 18.37 -0.39
C TYR A 279 -1.07 19.13 -1.38
N LEU A 280 -1.35 19.00 -2.69
CA LEU A 280 -0.46 19.58 -3.73
C LEU A 280 -0.50 21.13 -3.62
N GLU A 281 -1.61 21.68 -3.12
CA GLU A 281 -1.73 23.16 -2.87
C GLU A 281 -0.85 23.62 -1.69
N THR A 282 -0.44 22.74 -0.78
CA THR A 282 0.56 23.03 0.30
C THR A 282 2.01 22.86 -0.20
N CYS A 283 2.29 22.41 -1.43
CA CYS A 283 3.68 22.09 -1.88
C CYS A 283 4.29 23.22 -2.71
C1 GOL B . 7.53 -2.28 -10.58
O1 GOL B . 7.86 -2.61 -9.22
C2 GOL B . 6.43 -1.24 -10.72
O2 GOL B . 5.24 -1.80 -11.27
C3 GOL B . 6.09 -0.45 -9.47
O3 GOL B . 5.35 0.73 -9.82
N1 LCS C . -1.95 -3.26 3.25
C2 LCS C . -0.86 -3.81 2.73
C2A LCS C . -0.41 -5.08 3.39
C3 LCS C . -0.07 -3.12 1.77
O3 LCS C . 1.05 -3.69 1.25
C4 LCS C . -0.51 -1.89 1.24
C4A LCS C . 0.31 -1.12 0.18
C5 LCS C . -1.67 -1.33 1.82
C6 LCS C . -2.37 -2.06 2.81
C5A LCS C . -2.20 0.01 1.42
O4P LCS C . -1.48 1.06 2.14
P LCS C . -1.29 2.52 1.45
O1P LCS C . -0.44 3.20 2.42
O2P LCS C . -0.71 2.32 0.07
O3P LCS C . -2.69 3.09 1.37
N LCS C . 0.15 -1.58 -1.19
N LCS C . 0.05 -1.51 -1.20
CA LCS C . 1.08 -1.50 -2.16
CA LCS C . 0.51 -0.94 -2.31
C LCS C . 2.49 -1.07 -2.24
C LCS C . 0.33 -1.21 -3.78
O LCS C . 3.10 -0.48 -1.37
O LCS C . -0.60 -1.79 -4.33
ND LCS C . 3.00 -1.47 -3.40
ND LCS C . 1.44 -0.78 -4.40
OG LCS C . 2.09 -2.36 -4.10
OG LCS C . 2.30 -0.02 -3.49
CB LCS C . 0.81 -1.99 -3.56
CB LCS C . 1.54 0.17 -2.27
#